data_8T7V
#
_entry.id   8T7V
#
_cell.length_a   57.546
_cell.length_b   77.805
_cell.length_c   58.827
_cell.angle_alpha   90.000
_cell.angle_beta   92.194
_cell.angle_gamma   90.000
#
_symmetry.space_group_name_H-M   'P 1 21 1'
#
loop_
_entity.id
_entity.type
_entity.pdbx_description
1 polymer 'Krev interaction trapped protein 1'
2 polymer 'Ras-related protein Rap-1b'
3 non-polymer (7M)-7-(furan-2-yl)-2-hydroxynaphthalene-1-carbaldehyde
4 non-polymer 'MAGNESIUM ION'
5 non-polymer 'PHOSPHOAMINOPHOSPHONIC ACID-GUANYLATE ESTER'
6 water water
#
loop_
_entity_poly.entity_id
_entity_poly.type
_entity_poly.pdbx_seq_one_letter_code
_entity_poly.pdbx_strand_id
1 'polypeptide(L)'
;KPYEKVRIYRMDGSYRSVELKHGNNTTVQQIMEGMRLSQETQQYFTIWICSENLSLQLKPYHKPLQHVRDWPEILAELTN
LDPQRETPQLFLRRDVRLPLEVEKQIEDPLAILILFDEARYNLLKGFYTAPDAKLITLASLLLQIVYGNYESKKHKQGFL
NEENLKSIVPVTKLKSKAPHWTNRILHEYKNLSTSEGVSKEMHHLQRMFLQNCWEIPTYGAAFFTGQIFTKASPSNHKVI
PVYVGVNIKGLHLLNMETKALLISLKYGCFMWQLGDTDTCFQIHSMENKMSFIVHTKQAGLVVKLLMKLNGQLMPTERNS
;
A
2 'polypeptide(L)'
;MREYKLVVLGSGGVGKSALTVQFVQGIFVEKYDPTIEDSYRKQVEVDAQQCMLEILDTAGTEQFTAMRDLYMKNGQGFAL
VYSITAQSTFNDLQDLREQILRVKDTDDVPMILVGNKCDLEDERVVGKEQGQNLARQWNNCAFLESSAKSKINVNEIFYD
LVRQINR
;
B
#
# COMPACT_ATOMS: atom_id res chain seq x y z
N LYS A 1 12.89 19.98 15.13
CA LYS A 1 12.63 20.44 13.77
C LYS A 1 11.71 21.66 13.77
N PRO A 2 12.07 22.67 12.98
CA PRO A 2 11.25 23.89 12.93
C PRO A 2 10.10 23.81 11.94
N TYR A 3 9.40 22.68 11.90
CA TYR A 3 8.29 22.53 10.97
C TYR A 3 7.34 21.46 11.49
N GLU A 4 6.12 21.50 10.96
CA GLU A 4 5.11 20.48 11.24
C GLU A 4 5.07 19.47 10.12
N LYS A 5 4.61 18.26 10.43
CA LYS A 5 4.55 17.20 9.44
C LYS A 5 3.37 16.30 9.73
N VAL A 6 3.01 15.49 8.72
CA VAL A 6 1.92 14.53 8.84
C VAL A 6 2.30 13.28 8.05
N ARG A 7 1.81 12.14 8.51
CA ARG A 7 2.00 10.88 7.80
C ARG A 7 0.88 10.69 6.78
N ILE A 8 1.26 10.29 5.57
CA ILE A 8 0.33 9.92 4.52
C ILE A 8 0.47 8.43 4.28
N TYR A 9 -0.52 7.66 4.70
CA TYR A 9 -0.45 6.21 4.61
C TYR A 9 -0.91 5.72 3.24
N ARG A 10 -0.63 4.44 2.98
CA ARG A 10 -1.22 3.70 1.87
C ARG A 10 -1.88 2.46 2.42
N MET A 11 -2.58 1.73 1.55
CA MET A 11 -3.39 0.59 2.01
C MET A 11 -2.52 -0.53 2.56
N ASP A 12 -1.27 -0.62 2.13
CA ASP A 12 -0.39 -1.71 2.55
C ASP A 12 0.29 -1.45 3.89
N GLY A 13 -0.06 -0.37 4.60
CA GLY A 13 0.53 -0.07 5.88
C GLY A 13 1.73 0.85 5.82
N SER A 14 2.30 1.09 4.64
CA SER A 14 3.39 2.04 4.49
C SER A 14 2.89 3.46 4.68
N TYR A 15 3.83 4.40 4.84
CA TYR A 15 3.46 5.80 4.93
C TYR A 15 4.62 6.66 4.47
N ARG A 16 4.32 7.94 4.24
CA ARG A 16 5.30 8.95 3.82
C ARG A 16 5.01 10.23 4.58
N SER A 17 6.02 10.74 5.29
CA SER A 17 5.88 11.98 6.05
C SER A 17 6.17 13.17 5.14
N VAL A 18 5.25 14.13 5.13
CA VAL A 18 5.39 15.32 4.30
C VAL A 18 5.40 16.55 5.22
N GLU A 19 6.16 17.57 4.79
CA GLU A 19 6.24 18.80 5.55
C GLU A 19 4.93 19.59 5.42
N LEU A 20 4.62 20.35 6.46
CA LEU A 20 3.41 21.16 6.53
C LEU A 20 3.81 22.62 6.51
N LYS A 21 3.92 23.19 5.31
CA LYS A 21 4.41 24.55 5.14
C LYS A 21 3.42 25.59 5.69
N HIS A 22 2.14 25.24 5.82
CA HIS A 22 1.14 26.18 6.30
C HIS A 22 0.38 25.63 7.50
N GLY A 23 1.01 24.75 8.27
CA GLY A 23 0.39 24.22 9.47
C GLY A 23 -0.89 23.47 9.17
N ASN A 24 -1.89 23.68 10.02
CA ASN A 24 -3.19 23.05 9.79
C ASN A 24 -3.96 23.68 8.63
N ASN A 25 -3.45 24.78 8.07
CA ASN A 25 -4.06 25.41 6.90
C ASN A 25 -3.49 24.88 5.59
N THR A 26 -2.63 23.87 5.65
CA THR A 26 -2.13 23.24 4.44
C THR A 26 -3.24 22.48 3.74
N THR A 27 -3.27 22.58 2.41
CA THR A 27 -4.34 21.98 1.61
C THR A 27 -3.89 20.62 1.07
N VAL A 28 -4.87 19.88 0.56
CA VAL A 28 -4.60 18.60 -0.10
C VAL A 28 -3.63 18.81 -1.26
N GLN A 29 -3.81 19.90 -2.00
CA GLN A 29 -2.97 20.14 -3.18
C GLN A 29 -1.52 20.41 -2.77
N GLN A 30 -1.31 21.13 -1.67
CA GLN A 30 0.05 21.37 -1.21
C GLN A 30 0.69 20.10 -0.67
N ILE A 31 -0.11 19.25 -0.01
CA ILE A 31 0.41 17.97 0.47
C ILE A 31 0.72 17.05 -0.71
N MET A 32 -0.16 17.04 -1.73
CA MET A 32 0.09 16.25 -2.93
C MET A 32 1.43 16.61 -3.56
N GLU A 33 1.77 17.90 -3.56
CA GLU A 33 3.07 18.33 -4.07
C GLU A 33 4.22 17.88 -3.18
N GLY A 34 3.97 17.64 -1.89
CA GLY A 34 5.01 17.22 -0.96
C GLY A 34 5.42 15.77 -1.06
N MET A 35 4.74 14.97 -1.88
CA MET A 35 5.08 13.57 -2.04
C MET A 35 6.07 13.38 -3.20
N ARG A 36 6.57 12.15 -3.32
CA ARG A 36 7.48 11.80 -4.40
C ARG A 36 6.69 11.32 -5.62
N LEU A 37 5.86 12.22 -6.12
CA LEU A 37 4.99 11.95 -7.25
C LEU A 37 5.20 12.99 -8.33
N SER A 38 5.17 12.54 -9.58
CA SER A 38 5.17 13.46 -10.71
C SER A 38 3.73 13.83 -11.06
N GLN A 39 3.59 14.86 -11.91
CA GLN A 39 2.26 15.21 -12.41
C GLN A 39 1.61 14.05 -13.12
N GLU A 40 2.40 13.13 -13.67
CA GLU A 40 1.86 11.91 -14.25
C GLU A 40 1.16 11.06 -13.19
N THR A 41 1.83 10.81 -12.07
CA THR A 41 1.27 9.96 -11.03
C THR A 41 0.15 10.66 -10.28
N GLN A 42 0.23 11.99 -10.13
CA GLN A 42 -0.67 12.71 -9.24
C GLN A 42 -2.11 12.72 -9.75
N GLN A 43 -2.31 12.64 -11.06
CA GLN A 43 -3.65 12.76 -11.62
C GLN A 43 -4.55 11.59 -11.28
N TYR A 44 -3.98 10.46 -10.86
CA TYR A 44 -4.76 9.25 -10.60
C TYR A 44 -5.14 9.08 -9.13
N PHE A 45 -4.62 9.91 -8.23
CA PHE A 45 -4.78 9.68 -6.80
C PHE A 45 -5.11 11.00 -6.10
N THR A 46 -5.56 10.88 -4.86
CA THR A 46 -5.87 12.03 -4.03
C THR A 46 -5.83 11.59 -2.57
N ILE A 47 -5.93 12.57 -1.67
CA ILE A 47 -5.88 12.30 -0.24
C ILE A 47 -7.28 11.93 0.24
N TRP A 48 -7.37 10.83 0.97
CA TRP A 48 -8.57 10.44 1.69
C TRP A 48 -8.34 10.58 3.18
N ILE A 49 -9.42 10.75 3.94
CA ILE A 49 -9.39 10.69 5.39
C ILE A 49 -10.31 9.56 5.81
N CYS A 50 -9.76 8.58 6.52
CA CYS A 50 -10.48 7.36 6.83
C CYS A 50 -10.28 6.97 8.28
N SER A 51 -11.38 6.62 8.94
CA SER A 51 -11.34 5.90 10.20
C SER A 51 -11.76 4.45 9.93
N GLU A 52 -12.09 3.73 11.00
CA GLU A 52 -12.43 2.32 10.84
C GLU A 52 -13.74 2.14 10.08
N ASN A 53 -14.70 3.06 10.25
CA ASN A 53 -16.02 2.90 9.67
C ASN A 53 -16.47 4.07 8.81
N LEU A 54 -15.56 4.96 8.40
CA LEU A 54 -15.92 6.06 7.52
C LEU A 54 -14.72 6.47 6.70
N SER A 55 -14.89 6.53 5.38
CA SER A 55 -13.83 6.92 4.46
C SER A 55 -14.36 8.02 3.56
N LEU A 56 -13.64 9.14 3.50
CA LEU A 56 -14.06 10.30 2.74
C LEU A 56 -12.93 10.78 1.85
N GLN A 57 -13.20 10.87 0.55
CA GLN A 57 -12.25 11.45 -0.38
C GLN A 57 -12.28 12.97 -0.24
N LEU A 58 -11.10 13.57 -0.16
CA LEU A 58 -10.97 15.02 -0.05
C LEU A 58 -10.63 15.63 -1.41
N LYS A 59 -10.75 16.94 -1.48
CA LYS A 59 -10.54 17.70 -2.70
C LYS A 59 -9.31 18.59 -2.58
N PRO A 60 -8.72 19.00 -3.71
CA PRO A 60 -7.51 19.84 -3.65
C PRO A 60 -7.61 21.05 -2.73
N TYR A 61 -8.80 21.65 -2.63
CA TYR A 61 -8.96 22.83 -1.80
C TYR A 61 -9.19 22.51 -0.32
N HIS A 62 -9.39 21.25 0.03
CA HIS A 62 -9.67 20.89 1.41
C HIS A 62 -8.43 20.97 2.27
N LYS A 63 -8.62 21.34 3.54
CA LYS A 63 -7.57 21.34 4.54
C LYS A 63 -7.73 20.09 5.40
N PRO A 64 -6.91 19.06 5.21
CA PRO A 64 -7.20 17.76 5.85
C PRO A 64 -7.05 17.77 7.37
N LEU A 65 -6.18 18.60 7.93
CA LEU A 65 -6.00 18.55 9.38
C LEU A 65 -7.18 19.17 10.11
N GLN A 66 -7.88 20.12 9.50
CA GLN A 66 -9.11 20.63 10.10
C GLN A 66 -10.22 19.59 10.04
N HIS A 67 -10.17 18.69 9.04
CA HIS A 67 -11.07 17.54 9.03
C HIS A 67 -10.73 16.56 10.14
N VAL A 68 -9.43 16.41 10.44
CA VAL A 68 -9.01 15.58 11.56
C VAL A 68 -9.49 16.20 12.87
N ARG A 69 -9.34 17.52 13.01
CA ARG A 69 -9.80 18.22 14.21
C ARG A 69 -11.31 18.09 14.38
N ASP A 70 -12.05 18.16 13.28
CA ASP A 70 -13.51 18.14 13.31
C ASP A 70 -14.09 16.75 13.13
N TRP A 71 -13.28 15.70 13.25
CA TRP A 71 -13.76 14.35 12.99
C TRP A 71 -14.93 13.93 13.86
N PRO A 72 -14.93 14.12 15.20
CA PRO A 72 -16.09 13.68 15.98
C PRO A 72 -17.40 14.33 15.57
N GLU A 73 -17.35 15.57 15.07
CA GLU A 73 -18.57 16.21 14.58
C GLU A 73 -18.96 15.64 13.22
N ILE A 74 -17.98 15.30 12.39
CA ILE A 74 -18.27 14.70 11.09
C ILE A 74 -18.88 13.31 11.27
N LEU A 75 -18.36 12.54 12.21
CA LEU A 75 -18.92 11.22 12.47
C LEU A 75 -20.35 11.31 12.98
N ALA A 76 -20.67 12.37 13.72
CA ALA A 76 -22.04 12.52 14.23
C ALA A 76 -23.02 12.89 13.12
N GLU A 77 -22.56 13.65 12.12
CA GLU A 77 -23.44 14.04 11.04
C GLU A 77 -23.71 12.88 10.09
N LEU A 78 -22.69 12.06 9.81
CA LEU A 78 -22.77 11.07 8.76
C LEU A 78 -22.99 9.64 9.26
N THR A 79 -22.69 9.36 10.52
CA THR A 79 -22.79 8.02 11.06
C THR A 79 -23.59 8.01 12.35
N ASN A 80 -23.91 6.80 12.82
CA ASN A 80 -24.56 6.61 14.11
C ASN A 80 -23.60 5.93 15.08
N LEU A 81 -22.37 6.42 15.13
CA LEU A 81 -21.30 5.81 15.91
C LEU A 81 -20.88 6.74 17.05
N ASP A 82 -20.19 6.15 18.03
CA ASP A 82 -19.56 6.98 19.05
C ASP A 82 -18.18 7.42 18.58
N PRO A 83 -17.87 8.71 18.62
CA PRO A 83 -16.61 9.19 18.01
C PRO A 83 -15.35 8.75 18.75
N GLN A 84 -15.48 8.10 19.91
CA GLN A 84 -14.30 7.85 20.73
C GLN A 84 -13.38 6.80 20.10
N ARG A 85 -13.95 5.67 19.67
CA ARG A 85 -13.15 4.57 19.12
C ARG A 85 -12.77 4.79 17.66
N GLU A 86 -12.85 6.01 17.15
CA GLU A 86 -12.54 6.30 15.74
C GLU A 86 -11.55 7.46 15.68
N THR A 87 -10.29 7.13 15.43
CA THR A 87 -9.30 8.13 15.08
C THR A 87 -9.00 8.05 13.59
N PRO A 88 -9.06 9.15 12.85
CA PRO A 88 -8.79 9.11 11.42
C PRO A 88 -7.30 9.21 11.10
N GLN A 89 -6.96 8.72 9.92
CA GLN A 89 -5.64 8.90 9.34
C GLN A 89 -5.79 9.30 7.88
N LEU A 90 -4.75 9.93 7.34
CA LEU A 90 -4.77 10.37 5.95
C LEU A 90 -4.16 9.31 5.05
N PHE A 91 -4.81 9.06 3.92
CA PHE A 91 -4.40 8.03 2.98
C PHE A 91 -4.29 8.58 1.57
N LEU A 92 -3.39 8.01 0.80
CA LEU A 92 -3.30 8.25 -0.64
C LEU A 92 -4.02 7.11 -1.35
N ARG A 93 -5.10 7.43 -2.05
CA ARG A 93 -5.94 6.41 -2.66
C ARG A 93 -6.36 6.85 -4.06
N ARG A 94 -6.89 5.88 -4.80
CA ARG A 94 -7.39 6.12 -6.15
C ARG A 94 -8.51 7.16 -6.14
N ASP A 95 -8.48 8.07 -7.10
CA ASP A 95 -9.58 8.99 -7.31
C ASP A 95 -10.80 8.21 -7.78
N VAL A 96 -11.91 8.34 -7.05
CA VAL A 96 -13.11 7.59 -7.40
C VAL A 96 -13.68 8.04 -8.74
N ARG A 97 -13.40 9.27 -9.16
CA ARG A 97 -13.88 9.78 -10.44
C ARG A 97 -12.99 9.35 -11.60
N LEU A 98 -11.87 8.70 -11.34
CA LEU A 98 -10.95 8.30 -12.40
C LEU A 98 -11.65 7.34 -13.37
N PRO A 99 -11.83 7.72 -14.63
CA PRO A 99 -12.53 6.83 -15.57
C PRO A 99 -11.70 5.59 -15.87
N LEU A 100 -12.40 4.48 -16.11
CA LEU A 100 -11.73 3.22 -16.39
C LEU A 100 -10.88 3.31 -17.64
N GLU A 101 -11.35 4.05 -18.65
CA GLU A 101 -10.60 4.17 -19.90
CA GLU A 101 -10.59 4.15 -19.90
C GLU A 101 -9.29 4.91 -19.70
N VAL A 102 -9.21 5.78 -18.70
CA VAL A 102 -7.96 6.47 -18.42
C VAL A 102 -7.01 5.56 -17.64
N GLU A 103 -7.56 4.78 -16.70
CA GLU A 103 -6.72 3.84 -15.95
C GLU A 103 -6.13 2.78 -16.86
N LYS A 104 -6.83 2.42 -17.94
CA LYS A 104 -6.34 1.36 -18.82
C LYS A 104 -5.13 1.79 -19.65
N GLN A 105 -4.82 3.08 -19.70
CA GLN A 105 -3.67 3.57 -20.45
C GLN A 105 -2.50 3.94 -19.54
N ILE A 106 -2.55 3.58 -18.26
CA ILE A 106 -1.50 3.93 -17.32
C ILE A 106 -0.30 3.02 -17.55
N GLU A 107 0.89 3.64 -17.66
CA GLU A 107 2.13 2.89 -17.83
C GLU A 107 3.15 3.12 -16.72
N ASP A 108 2.95 4.13 -15.88
CA ASP A 108 3.92 4.44 -14.83
C ASP A 108 4.02 3.28 -13.84
N PRO A 109 5.21 2.75 -13.59
CA PRO A 109 5.33 1.63 -12.64
C PRO A 109 4.89 1.98 -11.22
N LEU A 110 5.12 3.21 -10.77
CA LEU A 110 4.70 3.57 -9.42
C LEU A 110 3.18 3.68 -9.33
N ALA A 111 2.55 4.30 -10.33
CA ALA A 111 1.10 4.40 -10.33
C ALA A 111 0.45 3.02 -10.38
N ILE A 112 1.02 2.11 -11.18
CA ILE A 112 0.51 0.75 -11.23
C ILE A 112 0.64 0.07 -9.87
N LEU A 113 1.76 0.27 -9.19
CA LEU A 113 1.96 -0.36 -7.88
C LEU A 113 0.97 0.18 -6.85
N ILE A 114 0.72 1.49 -6.87
CA ILE A 114 -0.21 2.07 -5.90
C ILE A 114 -1.62 1.60 -6.17
N LEU A 115 -2.04 1.56 -7.44
CA LEU A 115 -3.34 1.03 -7.79
C LEU A 115 -3.44 -0.45 -7.47
N PHE A 116 -2.33 -1.19 -7.59
CA PHE A 116 -2.35 -2.62 -7.33
C PHE A 116 -2.57 -2.92 -5.85
N ASP A 117 -1.95 -2.13 -4.96
CA ASP A 117 -2.09 -2.39 -3.54
CA ASP A 117 -2.09 -2.39 -3.54
C ASP A 117 -3.52 -2.11 -3.05
N GLU A 118 -4.16 -1.07 -3.60
CA GLU A 118 -5.54 -0.79 -3.23
C GLU A 118 -6.47 -1.90 -3.69
N ALA A 119 -6.28 -2.38 -4.93
CA ALA A 119 -7.13 -3.44 -5.45
C ALA A 119 -6.94 -4.74 -4.66
N ARG A 120 -5.69 -5.07 -4.32
CA ARG A 120 -5.44 -6.27 -3.53
C ARG A 120 -6.07 -6.14 -2.14
N TYR A 121 -6.04 -4.93 -1.57
CA TYR A 121 -6.66 -4.73 -0.26
C TYR A 121 -8.16 -4.93 -0.33
N ASN A 122 -8.81 -4.36 -1.35
CA ASN A 122 -10.25 -4.53 -1.50
C ASN A 122 -10.62 -5.97 -1.82
N LEU A 123 -9.75 -6.70 -2.51
CA LEU A 123 -10.01 -8.10 -2.82
C LEU A 123 -9.99 -8.96 -1.57
N LEU A 124 -8.90 -8.88 -0.79
CA LEU A 124 -8.79 -9.69 0.42
C LEU A 124 -9.86 -9.33 1.43
N LYS A 125 -10.29 -8.06 1.46
CA LYS A 125 -11.37 -7.66 2.35
C LYS A 125 -12.71 -8.24 1.93
N GLY A 126 -12.84 -8.67 0.68
CA GLY A 126 -14.07 -9.25 0.18
C GLY A 126 -15.00 -8.29 -0.54
N PHE A 127 -14.52 -7.09 -0.88
CA PHE A 127 -15.37 -6.10 -1.53
C PHE A 127 -15.54 -6.33 -3.01
N TYR A 128 -14.70 -7.16 -3.63
CA TYR A 128 -14.74 -7.42 -5.06
C TYR A 128 -15.44 -8.77 -5.29
N THR A 129 -16.72 -8.72 -5.61
N THR A 129 -16.72 -8.72 -5.61
CA THR A 129 -17.49 -9.93 -5.87
CA THR A 129 -17.49 -9.93 -5.87
C THR A 129 -17.25 -10.38 -7.31
C THR A 129 -17.25 -10.38 -7.31
N ALA A 130 -16.68 -11.57 -7.47
CA ALA A 130 -16.34 -12.12 -8.77
C ALA A 130 -16.60 -13.61 -8.75
N PRO A 131 -16.80 -14.22 -9.93
CA PRO A 131 -16.96 -15.68 -9.98
C PRO A 131 -15.74 -16.40 -9.46
N ASP A 132 -15.92 -17.69 -9.16
CA ASP A 132 -14.84 -18.49 -8.59
C ASP A 132 -13.67 -18.63 -9.56
N ALA A 133 -13.92 -18.54 -10.86
CA ALA A 133 -12.82 -18.62 -11.82
C ALA A 133 -11.97 -17.35 -11.79
N LYS A 134 -12.62 -16.19 -11.74
CA LYS A 134 -11.86 -14.93 -11.68
C LYS A 134 -11.06 -14.82 -10.39
N LEU A 135 -11.56 -15.38 -9.29
CA LEU A 135 -10.85 -15.28 -8.02
C LEU A 135 -9.63 -16.19 -8.01
N ILE A 136 -9.72 -17.36 -8.61
CA ILE A 136 -8.57 -18.27 -8.67
C ILE A 136 -7.45 -17.67 -9.50
N THR A 137 -7.81 -17.02 -10.61
CA THR A 137 -6.80 -16.37 -11.45
C THR A 137 -6.09 -15.26 -10.68
N LEU A 138 -6.84 -14.45 -9.93
CA LEU A 138 -6.22 -13.37 -9.16
C LEU A 138 -5.34 -13.92 -8.05
N ALA A 139 -5.73 -15.05 -7.45
CA ALA A 139 -4.91 -15.65 -6.41
C ALA A 139 -3.60 -16.19 -6.95
N SER A 140 -3.61 -16.71 -8.18
CA SER A 140 -2.38 -17.25 -8.77
C SER A 140 -1.42 -16.13 -9.15
N LEU A 141 -1.94 -15.01 -9.63
CA LEU A 141 -1.09 -13.86 -9.91
C LEU A 141 -0.43 -13.33 -8.64
N LEU A 142 -1.19 -13.27 -7.54
CA LEU A 142 -0.62 -12.83 -6.27
C LEU A 142 0.50 -13.77 -5.82
N LEU A 143 0.33 -15.07 -6.05
CA LEU A 143 1.39 -16.02 -5.73
C LEU A 143 2.65 -15.73 -6.54
N GLN A 144 2.48 -15.42 -7.83
CA GLN A 144 3.63 -15.08 -8.66
C GLN A 144 4.25 -13.75 -8.24
N ILE A 145 3.43 -12.79 -7.83
CA ILE A 145 3.94 -11.46 -7.49
C ILE A 145 4.63 -11.48 -6.13
N VAL A 146 4.10 -12.23 -5.18
CA VAL A 146 4.62 -12.19 -3.82
C VAL A 146 5.65 -13.30 -3.57
N TYR A 147 5.42 -14.49 -4.11
CA TYR A 147 6.27 -15.64 -3.83
C TYR A 147 7.22 -15.98 -4.98
N GLY A 148 7.19 -15.22 -6.06
CA GLY A 148 8.08 -15.49 -7.18
C GLY A 148 7.62 -16.68 -8.01
N ASN A 149 8.58 -17.25 -8.73
CA ASN A 149 8.29 -18.36 -9.63
C ASN A 149 7.85 -19.60 -8.85
N TYR A 150 7.14 -20.49 -9.54
CA TYR A 150 6.68 -21.73 -8.95
C TYR A 150 7.79 -22.76 -8.96
N GLU A 151 7.90 -23.51 -7.86
CA GLU A 151 8.88 -24.59 -7.74
C GLU A 151 8.21 -25.77 -7.06
N SER A 152 8.28 -26.94 -7.71
CA SER A 152 7.59 -28.12 -7.19
C SER A 152 8.15 -28.55 -5.83
N LYS A 153 9.44 -28.31 -5.60
CA LYS A 153 10.05 -28.67 -4.32
C LYS A 153 9.53 -27.84 -3.16
N LYS A 154 8.79 -26.77 -3.43
CA LYS A 154 8.35 -25.83 -2.41
C LYS A 154 6.85 -25.67 -2.31
N HIS A 155 6.15 -25.61 -3.45
CA HIS A 155 4.74 -25.23 -3.47
C HIS A 155 3.79 -26.38 -3.78
N LYS A 156 4.30 -27.55 -4.16
CA LYS A 156 3.41 -28.61 -4.64
C LYS A 156 2.49 -29.12 -3.54
N GLN A 157 3.04 -29.39 -2.36
CA GLN A 157 2.25 -29.93 -1.25
C GLN A 157 2.69 -29.27 0.05
N GLY A 158 1.71 -29.12 0.96
CA GLY A 158 2.01 -28.54 2.27
C GLY A 158 2.49 -27.11 2.21
N PHE A 159 1.89 -26.30 1.35
CA PHE A 159 2.26 -24.89 1.21
C PHE A 159 1.06 -23.96 1.22
N LEU A 160 -0.01 -24.31 0.51
CA LEU A 160 -1.22 -23.49 0.46
C LEU A 160 -2.18 -23.92 1.58
N ASN A 161 -1.74 -23.66 2.82
CA ASN A 161 -2.57 -23.95 3.98
C ASN A 161 -3.68 -22.91 4.12
N GLU A 162 -3.74 -22.24 5.26
CA GLU A 162 -4.65 -21.11 5.45
C GLU A 162 -3.94 -19.82 5.78
N GLU A 163 -2.77 -19.88 6.41
CA GLU A 163 -2.01 -18.65 6.66
C GLU A 163 -1.47 -18.06 5.37
N ASN A 164 -1.04 -18.92 4.44
CA ASN A 164 -0.64 -18.45 3.12
C ASN A 164 -1.86 -18.14 2.25
N LEU A 165 -2.94 -18.92 2.42
CA LEU A 165 -4.14 -18.69 1.63
C LEU A 165 -4.76 -17.33 1.94
N LYS A 166 -4.73 -16.93 3.22
CA LYS A 166 -5.35 -15.68 3.64
C LYS A 166 -4.82 -14.47 2.87
N SER A 167 -3.63 -14.58 2.28
CA SER A 167 -3.03 -13.45 1.56
C SER A 167 -3.32 -13.46 0.07
N ILE A 168 -4.11 -14.41 -0.44
CA ILE A 168 -4.37 -14.47 -1.88
C ILE A 168 -5.84 -14.66 -2.20
N VAL A 169 -6.67 -14.93 -1.19
CA VAL A 169 -8.11 -15.08 -1.44
C VAL A 169 -8.88 -14.14 -0.53
N PRO A 170 -10.09 -13.75 -0.91
CA PRO A 170 -10.91 -12.91 -0.04
C PRO A 170 -11.17 -13.58 1.30
N VAL A 171 -11.21 -12.76 2.36
CA VAL A 171 -11.43 -13.30 3.70
C VAL A 171 -12.82 -13.90 3.84
N THR A 172 -13.76 -13.50 2.99
CA THR A 172 -15.10 -14.08 3.04
C THR A 172 -15.14 -15.51 2.54
N LYS A 173 -14.12 -15.95 1.80
CA LYS A 173 -14.09 -17.28 1.23
C LYS A 173 -13.06 -18.20 1.88
N LEU A 174 -12.22 -17.66 2.78
CA LEU A 174 -11.10 -18.43 3.32
C LEU A 174 -11.55 -19.73 3.97
N LYS A 175 -12.73 -19.75 4.59
CA LYS A 175 -13.23 -20.94 5.26
C LYS A 175 -14.15 -21.78 4.40
N SER A 176 -15.03 -21.15 3.64
CA SER A 176 -16.04 -21.91 2.89
C SER A 176 -15.49 -22.44 1.57
N LYS A 177 -15.29 -21.57 0.59
CA LYS A 177 -14.98 -21.97 -0.77
C LYS A 177 -13.49 -22.13 -1.03
N ALA A 178 -12.62 -21.52 -0.20
CA ALA A 178 -11.20 -21.49 -0.57
C ALA A 178 -10.49 -22.82 -0.38
N PRO A 179 -10.60 -23.52 0.76
CA PRO A 179 -9.77 -24.73 0.95
C PRO A 179 -9.99 -25.81 -0.10
N HIS A 180 -10.96 -25.67 -0.99
CA HIS A 180 -11.15 -26.59 -2.11
C HIS A 180 -10.69 -25.99 -3.43
N TRP A 181 -10.09 -24.81 -3.42
CA TRP A 181 -9.54 -24.17 -4.61
C TRP A 181 -8.05 -24.39 -4.76
N THR A 182 -7.40 -25.02 -3.78
CA THR A 182 -5.93 -25.05 -3.73
C THR A 182 -5.34 -25.70 -4.97
N ASN A 183 -5.91 -26.82 -5.42
CA ASN A 183 -5.36 -27.51 -6.58
C ASN A 183 -5.50 -26.66 -7.84
N ARG A 184 -6.61 -25.93 -7.96
CA ARG A 184 -6.81 -25.08 -9.14
C ARG A 184 -5.93 -23.84 -9.09
N ILE A 185 -5.58 -23.38 -7.89
CA ILE A 185 -4.72 -22.20 -7.77
C ILE A 185 -3.30 -22.54 -8.19
N LEU A 186 -2.77 -23.67 -7.70
CA LEU A 186 -1.40 -24.04 -8.02
C LEU A 186 -1.22 -24.34 -9.49
N HIS A 187 -2.24 -24.92 -10.14
CA HIS A 187 -2.14 -25.23 -11.56
C HIS A 187 -1.99 -23.95 -12.40
N GLU A 188 -2.77 -22.92 -12.07
CA GLU A 188 -2.60 -21.64 -12.76
C GLU A 188 -1.29 -20.98 -12.34
N TYR A 189 -0.91 -21.11 -11.07
CA TYR A 189 0.39 -20.63 -10.61
C TYR A 189 1.52 -21.33 -11.35
N LYS A 190 1.43 -22.66 -11.48
CA LYS A 190 2.42 -23.40 -12.25
C LYS A 190 2.44 -22.96 -13.70
N ASN A 191 1.28 -22.69 -14.28
CA ASN A 191 1.22 -22.28 -15.68
C ASN A 191 1.79 -20.88 -15.89
N LEU A 192 1.62 -19.99 -14.90
CA LEU A 192 2.12 -18.63 -15.04
C LEU A 192 3.64 -18.60 -15.05
N SER A 193 4.29 -19.39 -14.20
CA SER A 193 5.75 -19.35 -14.11
C SER A 193 6.38 -19.97 -15.34
N THR A 194 5.97 -21.18 -15.70
CA THR A 194 6.54 -21.89 -16.86
C THR A 194 5.87 -21.49 -18.16
N SER A 195 5.81 -20.18 -18.42
CA SER A 195 5.22 -19.67 -19.66
C SER A 195 5.96 -18.40 -20.04
N GLU A 196 6.70 -18.46 -21.15
CA GLU A 196 7.47 -17.31 -21.62
C GLU A 196 6.60 -16.24 -22.26
N GLY A 197 5.38 -16.58 -22.68
CA GLY A 197 4.43 -15.64 -23.21
C GLY A 197 3.82 -14.68 -22.22
N VAL A 198 4.31 -14.66 -20.97
CA VAL A 198 3.82 -13.78 -19.93
C VAL A 198 5.02 -13.08 -19.30
N SER A 199 5.00 -11.75 -19.28
CA SER A 199 6.12 -10.99 -18.74
C SER A 199 6.12 -11.08 -17.21
N LYS A 200 7.22 -11.54 -16.65
CA LYS A 200 7.36 -11.62 -15.19
C LYS A 200 7.95 -10.35 -14.58
N GLU A 201 7.98 -9.24 -15.32
CA GLU A 201 8.36 -7.98 -14.70
C GLU A 201 7.26 -7.55 -13.74
N MET A 202 7.68 -6.88 -12.67
CA MET A 202 6.79 -6.66 -11.54
C MET A 202 5.61 -5.76 -11.94
N HIS A 203 5.90 -4.64 -12.61
CA HIS A 203 4.81 -3.76 -13.03
C HIS A 203 3.93 -4.40 -14.10
N HIS A 204 4.46 -5.36 -14.87
CA HIS A 204 3.64 -6.05 -15.84
C HIS A 204 2.68 -7.04 -15.17
N LEU A 205 3.17 -7.77 -14.16
CA LEU A 205 2.31 -8.71 -13.44
C LEU A 205 1.22 -7.98 -12.68
N GLN A 206 1.55 -6.85 -12.04
CA GLN A 206 0.54 -6.08 -11.35
C GLN A 206 -0.47 -5.50 -12.32
N ARG A 207 -0.01 -5.12 -13.52
CA ARG A 207 -0.92 -4.65 -14.56
C ARG A 207 -1.89 -5.76 -14.97
N MET A 208 -1.41 -7.00 -15.00
CA MET A 208 -2.28 -8.14 -15.30
C MET A 208 -3.33 -8.32 -14.22
N PHE A 209 -2.92 -8.24 -12.95
CA PHE A 209 -3.86 -8.34 -11.83
C PHE A 209 -4.97 -7.31 -11.96
N LEU A 210 -4.62 -6.08 -12.33
CA LEU A 210 -5.62 -5.03 -12.44
C LEU A 210 -6.56 -5.27 -13.62
N GLN A 211 -6.06 -5.88 -14.70
CA GLN A 211 -6.91 -6.18 -15.85
C GLN A 211 -8.07 -7.08 -15.45
N ASN A 212 -7.80 -8.11 -14.64
CA ASN A 212 -8.86 -8.99 -14.17
C ASN A 212 -9.76 -8.32 -13.14
N CYS A 213 -9.29 -7.25 -12.51
CA CYS A 213 -10.11 -6.51 -11.55
C CYS A 213 -11.02 -5.49 -12.22
N TRP A 214 -10.70 -5.07 -13.44
CA TRP A 214 -11.47 -4.03 -14.10
C TRP A 214 -12.87 -4.51 -14.49
N GLU A 215 -13.03 -5.82 -14.73
CA GLU A 215 -14.33 -6.37 -15.08
C GLU A 215 -15.22 -6.58 -13.86
N ILE A 216 -14.68 -6.47 -12.66
CA ILE A 216 -15.47 -6.65 -11.43
C ILE A 216 -16.41 -5.46 -11.27
N PRO A 217 -17.69 -5.68 -10.98
CA PRO A 217 -18.64 -4.56 -10.92
C PRO A 217 -18.32 -3.52 -9.85
N THR A 218 -17.74 -3.92 -8.73
CA THR A 218 -17.49 -3.01 -7.63
C THR A 218 -16.09 -2.41 -7.65
N TYR A 219 -15.36 -2.52 -8.77
CA TYR A 219 -13.99 -2.02 -8.80
C TYR A 219 -13.98 -0.50 -8.68
N GLY A 220 -13.03 0.00 -7.89
CA GLY A 220 -12.89 1.44 -7.68
C GLY A 220 -14.03 2.10 -6.95
N ALA A 221 -14.89 1.33 -6.29
CA ALA A 221 -16.09 1.87 -5.67
C ALA A 221 -15.78 2.52 -4.34
N ALA A 222 -16.38 3.69 -4.11
CA ALA A 222 -16.44 4.27 -2.78
C ALA A 222 -17.63 3.67 -2.03
N PHE A 223 -17.39 3.21 -0.82
CA PHE A 223 -18.38 2.43 -0.08
C PHE A 223 -18.97 3.26 1.07
N PHE A 224 -20.28 3.16 1.22
CA PHE A 224 -21.01 3.80 2.31
C PHE A 224 -21.82 2.75 3.05
N THR A 225 -22.20 3.06 4.28
CA THR A 225 -23.01 2.17 5.10
C THR A 225 -24.46 2.64 5.10
N GLY A 226 -25.37 1.68 5.11
CA GLY A 226 -26.78 1.99 5.08
C GLY A 226 -27.63 0.83 5.56
N GLN A 227 -28.94 0.99 5.43
CA GLN A 227 -29.89 -0.01 5.90
C GLN A 227 -31.05 -0.12 4.93
N ILE A 228 -31.44 -1.36 4.64
CA ILE A 228 -32.64 -1.64 3.85
C ILE A 228 -33.54 -2.56 4.68
N PHE A 229 -34.84 -2.51 4.39
CA PHE A 229 -35.84 -3.29 5.11
C PHE A 229 -36.43 -4.33 4.18
N THR A 230 -36.54 -5.56 4.67
CA THR A 230 -37.02 -6.66 3.84
C THR A 230 -38.49 -6.47 3.49
N LYS A 231 -38.82 -6.76 2.24
CA LYS A 231 -40.18 -6.62 1.74
C LYS A 231 -41.14 -7.62 2.39
N ASN A 236 -42.07 -9.64 9.78
CA ASN A 236 -42.28 -9.45 8.35
C ASN A 236 -41.23 -8.51 7.76
N HIS A 237 -40.91 -7.45 8.50
CA HIS A 237 -39.90 -6.47 8.09
C HIS A 237 -38.66 -6.68 8.94
N LYS A 238 -37.55 -7.05 8.29
CA LYS A 238 -36.29 -7.28 8.97
C LYS A 238 -35.23 -6.35 8.41
N VAL A 239 -34.39 -5.83 9.30
CA VAL A 239 -33.35 -4.88 8.92
C VAL A 239 -32.15 -5.63 8.37
N ILE A 240 -31.65 -5.19 7.21
CA ILE A 240 -30.45 -5.78 6.62
C ILE A 240 -29.39 -4.70 6.47
N PRO A 241 -28.27 -4.79 7.20
CA PRO A 241 -27.19 -3.82 7.01
C PRO A 241 -26.53 -4.03 5.64
N VAL A 242 -26.21 -2.92 4.99
CA VAL A 242 -25.70 -2.98 3.62
C VAL A 242 -24.53 -2.01 3.44
N TYR A 243 -23.65 -2.37 2.52
CA TYR A 243 -22.66 -1.46 1.96
C TYR A 243 -23.21 -0.91 0.64
N VAL A 244 -23.10 0.41 0.46
CA VAL A 244 -23.55 1.05 -0.77
C VAL A 244 -22.31 1.45 -1.55
N GLY A 245 -22.02 0.71 -2.63
CA GLY A 245 -20.87 0.96 -3.46
C GLY A 245 -21.24 1.78 -4.69
N VAL A 246 -20.58 2.92 -4.85
CA VAL A 246 -20.83 3.83 -5.96
C VAL A 246 -19.51 4.04 -6.69
N ASN A 247 -19.46 3.60 -7.95
CA ASN A 247 -18.26 3.80 -8.77
C ASN A 247 -18.63 4.36 -10.15
N ILE A 248 -17.65 4.37 -11.06
CA ILE A 248 -17.88 4.93 -12.39
C ILE A 248 -18.80 4.04 -13.22
N LYS A 249 -19.00 2.78 -12.81
CA LYS A 249 -19.88 1.89 -13.55
C LYS A 249 -21.34 2.09 -13.16
N GLY A 250 -21.61 2.25 -11.86
CA GLY A 250 -22.96 2.42 -11.38
C GLY A 250 -23.09 2.33 -9.88
N LEU A 251 -24.09 1.59 -9.41
CA LEU A 251 -24.36 1.45 -7.98
C LEU A 251 -24.49 -0.03 -7.64
N HIS A 252 -23.98 -0.40 -6.46
CA HIS A 252 -23.94 -1.79 -6.05
C HIS A 252 -24.27 -1.89 -4.57
N LEU A 253 -24.90 -3.00 -4.19
CA LEU A 253 -25.36 -3.23 -2.82
C LEU A 253 -24.74 -4.52 -2.31
N LEU A 254 -24.05 -4.44 -1.17
CA LEU A 254 -23.42 -5.58 -0.53
C LEU A 254 -24.07 -5.83 0.83
N ASN A 255 -24.30 -7.10 1.15
CA ASN A 255 -24.68 -7.46 2.51
C ASN A 255 -23.50 -7.18 3.44
N MET A 256 -23.71 -6.29 4.41
CA MET A 256 -22.60 -5.84 5.24
C MET A 256 -21.93 -7.00 5.98
N GLU A 257 -22.70 -8.05 6.32
CA GLU A 257 -22.16 -9.15 7.10
C GLU A 257 -21.31 -10.09 6.25
N THR A 258 -21.81 -10.47 5.08
CA THR A 258 -21.18 -11.49 4.25
C THR A 258 -20.63 -10.95 2.94
N LYS A 259 -20.78 -9.66 2.66
CA LYS A 259 -20.29 -9.02 1.44
C LYS A 259 -20.89 -9.61 0.17
N ALA A 260 -21.98 -10.36 0.28
CA ALA A 260 -22.64 -10.91 -0.89
C ALA A 260 -23.27 -9.79 -1.72
N LEU A 261 -23.21 -9.93 -3.04
CA LEU A 261 -23.70 -8.89 -3.94
C LEU A 261 -25.21 -8.98 -4.07
N LEU A 262 -25.91 -8.01 -3.48
CA LEU A 262 -27.37 -7.99 -3.53
C LEU A 262 -27.88 -7.56 -4.90
N ILE A 263 -27.47 -6.38 -5.36
CA ILE A 263 -27.92 -5.84 -6.65
C ILE A 263 -26.80 -4.95 -7.19
N SER A 264 -26.64 -4.99 -8.51
CA SER A 264 -25.66 -4.16 -9.21
C SER A 264 -26.31 -3.55 -10.44
N LEU A 265 -26.27 -2.23 -10.55
CA LEU A 265 -27.01 -1.50 -11.59
C LEU A 265 -26.08 -0.56 -12.32
N LYS A 266 -25.93 -0.77 -13.63
CA LYS A 266 -25.16 0.14 -14.46
C LYS A 266 -25.92 1.45 -14.66
N TYR A 267 -25.16 2.53 -14.84
CA TYR A 267 -25.78 3.83 -15.08
C TYR A 267 -26.63 3.79 -16.35
N GLY A 268 -27.80 4.42 -16.29
CA GLY A 268 -28.75 4.35 -17.38
C GLY A 268 -29.73 3.20 -17.30
N CYS A 269 -29.60 2.34 -16.29
CA CYS A 269 -30.55 1.24 -16.07
C CYS A 269 -31.27 1.38 -14.74
N PHE A 270 -31.24 2.58 -14.15
CA PHE A 270 -31.87 2.84 -12.86
C PHE A 270 -31.90 4.34 -12.65
N MET A 271 -32.76 4.77 -11.73
CA MET A 271 -32.87 6.17 -11.35
C MET A 271 -32.87 6.29 -9.84
N TRP A 272 -32.47 7.46 -9.35
CA TRP A 272 -32.35 7.70 -7.91
C TRP A 272 -33.11 8.96 -7.53
N GLN A 273 -33.55 9.00 -6.27
CA GLN A 273 -34.22 10.16 -5.71
C GLN A 273 -33.79 10.29 -4.25
N LEU A 274 -33.40 11.50 -3.86
CA LEU A 274 -33.01 11.75 -2.48
C LEU A 274 -34.26 11.91 -1.61
N GLY A 275 -34.23 11.29 -0.44
CA GLY A 275 -35.35 11.36 0.47
C GLY A 275 -35.63 12.76 0.96
N ASP A 276 -36.79 12.91 1.60
CA ASP A 276 -37.23 14.22 2.08
C ASP A 276 -36.32 14.73 3.19
N THR A 277 -36.29 14.02 4.32
CA THR A 277 -35.46 14.42 5.46
C THR A 277 -33.99 14.06 5.28
N ASP A 278 -33.57 13.72 4.06
CA ASP A 278 -32.18 13.42 3.69
C ASP A 278 -31.74 12.06 4.19
N THR A 279 -32.41 11.53 5.22
CA THR A 279 -31.97 10.30 5.88
C THR A 279 -32.05 9.06 4.99
N CYS A 280 -32.43 9.22 3.72
CA CYS A 280 -32.59 8.05 2.86
C CYS A 280 -32.56 8.50 1.40
N PHE A 281 -32.55 7.50 0.50
CA PHE A 281 -32.71 7.72 -0.92
C PHE A 281 -33.36 6.49 -1.54
N GLN A 282 -34.07 6.70 -2.64
CA GLN A 282 -34.81 5.63 -3.31
C GLN A 282 -34.16 5.32 -4.65
N ILE A 283 -34.13 4.04 -5.00
CA ILE A 283 -33.57 3.57 -6.27
C ILE A 283 -34.69 2.84 -7.02
N HIS A 284 -35.09 3.40 -8.15
CA HIS A 284 -36.05 2.75 -9.04
C HIS A 284 -35.29 2.10 -10.18
N SER A 285 -35.23 0.77 -10.16
CA SER A 285 -34.53 0.02 -11.20
C SER A 285 -35.49 -0.20 -12.36
N MET A 286 -35.31 0.58 -13.43
CA MET A 286 -36.12 0.41 -14.62
C MET A 286 -35.76 -0.90 -15.31
N GLU A 287 -36.58 -1.27 -16.31
CA GLU A 287 -36.46 -2.53 -17.01
C GLU A 287 -36.51 -3.73 -16.08
N ASN A 288 -36.99 -3.52 -14.85
CA ASN A 288 -37.14 -4.57 -13.85
C ASN A 288 -38.40 -4.39 -13.02
N LYS A 289 -39.06 -3.23 -13.09
CA LYS A 289 -40.26 -2.93 -12.31
C LYS A 289 -40.06 -3.25 -10.83
N MET A 290 -39.05 -2.61 -10.26
CA MET A 290 -38.61 -2.91 -8.90
C MET A 290 -37.88 -1.71 -8.33
N SER A 291 -38.16 -1.41 -7.06
CA SER A 291 -37.51 -0.31 -6.37
C SER A 291 -37.14 -0.74 -4.97
N PHE A 292 -36.25 0.04 -4.33
CA PHE A 292 -35.90 -0.16 -2.94
C PHE A 292 -35.41 1.16 -2.38
N ILE A 293 -35.40 1.25 -1.05
CA ILE A 293 -35.02 2.46 -0.33
C ILE A 293 -33.93 2.13 0.66
N VAL A 294 -32.89 2.96 0.69
CA VAL A 294 -31.73 2.77 1.56
C VAL A 294 -31.71 3.90 2.58
N HIS A 295 -31.73 3.54 3.85
CA HIS A 295 -31.65 4.52 4.94
C HIS A 295 -30.21 4.67 5.40
N THR A 296 -29.70 5.90 5.37
CA THR A 296 -28.34 6.19 5.80
C THR A 296 -28.18 7.70 5.94
N LYS A 297 -27.45 8.12 6.97
CA LYS A 297 -27.13 9.54 7.11
C LYS A 297 -26.17 10.03 6.05
N GLN A 298 -25.58 9.12 5.27
CA GLN A 298 -24.74 9.48 4.13
C GLN A 298 -25.51 9.50 2.82
N ALA A 299 -26.84 9.45 2.87
CA ALA A 299 -27.63 9.39 1.65
C ALA A 299 -27.42 10.61 0.78
N GLY A 300 -27.14 11.77 1.39
CA GLY A 300 -26.86 12.96 0.59
C GLY A 300 -25.61 12.81 -0.25
N LEU A 301 -24.54 12.27 0.34
CA LEU A 301 -23.30 12.08 -0.41
C LEU A 301 -23.47 11.03 -1.50
N VAL A 302 -24.21 9.95 -1.21
CA VAL A 302 -24.41 8.89 -2.19
C VAL A 302 -25.08 9.45 -3.45
N VAL A 303 -26.14 10.24 -3.27
CA VAL A 303 -26.84 10.81 -4.41
C VAL A 303 -25.95 11.83 -5.12
N LYS A 304 -25.24 12.66 -4.36
CA LYS A 304 -24.35 13.64 -4.96
C LYS A 304 -23.25 12.97 -5.78
N LEU A 305 -22.71 11.87 -5.28
CA LEU A 305 -21.70 11.14 -6.05
C LEU A 305 -22.32 10.45 -7.26
N LEU A 306 -23.54 9.94 -7.12
CA LEU A 306 -24.21 9.29 -8.24
C LEU A 306 -24.40 10.25 -9.41
N MET A 307 -24.73 11.51 -9.11
CA MET A 307 -24.93 12.49 -10.17
C MET A 307 -23.63 12.80 -10.90
N LYS A 308 -22.54 13.01 -10.14
CA LYS A 308 -21.28 13.40 -10.75
C LYS A 308 -20.71 12.27 -11.61
N LEU A 309 -20.78 11.03 -11.11
CA LEU A 309 -20.24 9.91 -11.87
C LEU A 309 -21.11 9.58 -13.07
N ASN A 310 -22.43 9.72 -12.94
CA ASN A 310 -23.30 9.53 -14.08
C ASN A 310 -23.12 10.66 -15.10
N GLY A 311 -22.99 11.90 -14.64
CA GLY A 311 -22.74 13.00 -15.54
C GLY A 311 -21.42 12.92 -16.27
N GLN A 312 -20.45 12.19 -15.72
CA GLN A 312 -19.17 12.02 -16.38
C GLN A 312 -19.28 11.17 -17.63
N LEU A 313 -20.26 10.27 -17.68
CA LEU A 313 -20.39 9.33 -18.79
C LEU A 313 -20.96 10.01 -20.02
N MET A 314 -20.39 9.70 -21.18
CA MET A 314 -20.84 10.24 -22.45
C MET A 314 -21.81 9.29 -23.15
N MET B 1 3.95 -15.75 10.38
CA MET B 1 4.74 -14.71 9.72
C MET B 1 5.34 -13.74 10.73
N ARG B 2 6.64 -13.88 10.97
CA ARG B 2 7.33 -12.98 11.88
C ARG B 2 7.55 -11.62 11.22
N GLU B 3 7.50 -10.57 12.05
CA GLU B 3 7.71 -9.20 11.59
C GLU B 3 9.10 -8.72 12.00
N TYR B 4 9.79 -8.08 11.06
CA TYR B 4 11.13 -7.55 11.30
C TYR B 4 11.13 -6.05 11.06
N LYS B 5 11.65 -5.29 12.02
CA LYS B 5 11.76 -3.85 11.93
C LYS B 5 13.21 -3.49 11.63
N LEU B 6 13.47 -3.04 10.40
CA LEU B 6 14.81 -2.65 9.96
C LEU B 6 14.86 -1.15 9.75
N VAL B 7 16.01 -0.56 10.08
CA VAL B 7 16.22 0.88 9.97
C VAL B 7 17.42 1.13 9.07
N VAL B 8 17.24 1.99 8.07
CA VAL B 8 18.31 2.40 7.18
C VAL B 8 18.85 3.74 7.65
N LEU B 9 20.13 3.78 7.97
CA LEU B 9 20.78 4.97 8.51
C LEU B 9 21.95 5.38 7.64
N GLY B 10 22.32 6.65 7.73
CA GLY B 10 23.42 7.19 6.96
C GLY B 10 23.22 8.66 6.70
N SER B 11 24.30 9.31 6.27
CA SER B 11 24.25 10.72 5.95
C SER B 11 23.41 10.95 4.69
N GLY B 12 23.07 12.21 4.44
CA GLY B 12 22.24 12.54 3.31
C GLY B 12 22.95 12.31 1.98
N GLY B 13 22.16 11.89 0.98
CA GLY B 13 22.65 11.71 -0.36
C GLY B 13 23.23 10.35 -0.67
N VAL B 14 23.42 9.49 0.33
CA VAL B 14 24.11 8.22 0.10
C VAL B 14 23.24 7.22 -0.64
N GLY B 15 21.93 7.43 -0.71
CA GLY B 15 21.05 6.52 -1.38
C GLY B 15 20.25 5.61 -0.48
N LYS B 16 19.89 6.06 0.73
CA LYS B 16 19.07 5.25 1.61
C LYS B 16 17.70 4.99 0.99
N SER B 17 17.07 6.03 0.44
CA SER B 17 15.77 5.86 -0.20
C SER B 17 15.88 5.06 -1.48
N ALA B 18 16.93 5.31 -2.27
CA ALA B 18 17.10 4.60 -3.54
C ALA B 18 17.25 3.10 -3.31
N LEU B 19 18.01 2.71 -2.29
CA LEU B 19 18.15 1.29 -1.99
C LEU B 19 16.83 0.68 -1.52
N THR B 20 16.08 1.42 -0.69
CA THR B 20 14.84 0.89 -0.16
C THR B 20 13.77 0.79 -1.25
N VAL B 21 13.59 1.85 -2.04
CA VAL B 21 12.57 1.85 -3.09
C VAL B 21 12.90 0.79 -4.14
N GLN B 22 14.19 0.62 -4.45
CA GLN B 22 14.58 -0.42 -5.40
C GLN B 22 14.23 -1.81 -4.88
N PHE B 23 14.45 -2.05 -3.59
CA PHE B 23 14.17 -3.37 -3.02
C PHE B 23 12.66 -3.61 -2.91
N VAL B 24 11.91 -2.62 -2.45
CA VAL B 24 10.49 -2.83 -2.19
C VAL B 24 9.67 -2.70 -3.46
N GLN B 25 9.93 -1.69 -4.29
CA GLN B 25 9.10 -1.38 -5.43
C GLN B 25 9.77 -1.65 -6.77
N GLY B 26 11.05 -2.04 -6.79
CA GLY B 26 11.72 -2.31 -8.05
C GLY B 26 11.91 -1.09 -8.93
N ILE B 27 11.84 0.11 -8.37
CA ILE B 27 11.97 1.35 -9.12
C ILE B 27 13.23 2.07 -8.63
N PHE B 28 13.99 2.64 -9.56
CA PHE B 28 15.15 3.45 -9.24
C PHE B 28 14.75 4.91 -9.21
N VAL B 29 14.74 5.51 -8.02
CA VAL B 29 14.42 6.92 -7.85
C VAL B 29 15.59 7.75 -8.37
N GLU B 30 15.44 8.32 -9.57
CA GLU B 30 16.51 9.12 -10.15
C GLU B 30 16.60 10.49 -9.48
N LYS B 31 15.46 11.06 -9.10
CA LYS B 31 15.45 12.39 -8.49
C LYS B 31 16.05 12.35 -7.09
N TYR B 32 16.19 13.53 -6.50
CA TYR B 32 16.69 13.67 -5.13
C TYR B 32 15.66 14.48 -4.34
N ASP B 33 15.03 13.82 -3.37
CA ASP B 33 14.07 14.47 -2.47
CA ASP B 33 14.07 14.47 -2.47
C ASP B 33 14.45 14.11 -1.05
N PRO B 34 15.03 15.02 -0.28
CA PRO B 34 15.45 14.69 1.09
C PRO B 34 14.30 14.18 1.93
N THR B 35 14.51 13.02 2.55
CA THR B 35 13.46 12.31 3.25
C THR B 35 13.24 12.89 4.64
N ILE B 36 11.98 12.99 5.04
CA ILE B 36 11.63 13.29 6.44
C ILE B 36 11.61 11.97 7.19
N GLU B 37 10.66 11.10 6.84
CA GLU B 37 10.57 9.76 7.43
C GLU B 37 9.64 8.89 6.61
N ASP B 38 10.17 7.83 6.01
CA ASP B 38 9.39 6.90 5.20
C ASP B 38 9.42 5.51 5.81
N SER B 39 8.28 4.83 5.79
CA SER B 39 8.18 3.45 6.24
C SER B 39 7.60 2.60 5.13
N TYR B 40 8.27 1.48 4.84
CA TYR B 40 7.85 0.57 3.80
C TYR B 40 7.57 -0.80 4.40
N ARG B 41 6.74 -1.58 3.71
CA ARG B 41 6.39 -2.93 4.11
C ARG B 41 6.55 -3.86 2.92
N LYS B 42 7.08 -5.05 3.17
CA LYS B 42 7.36 -5.99 2.10
C LYS B 42 7.48 -7.39 2.68
N GLN B 43 6.87 -8.36 1.99
CA GLN B 43 6.94 -9.76 2.38
C GLN B 43 7.98 -10.47 1.53
N VAL B 44 8.95 -11.12 2.18
CA VAL B 44 10.03 -11.81 1.51
C VAL B 44 10.16 -13.20 2.10
N GLU B 45 10.99 -14.02 1.44
CA GLU B 45 11.29 -15.38 1.90
C GLU B 45 12.78 -15.46 2.21
N VAL B 46 13.12 -15.56 3.48
CA VAL B 46 14.50 -15.68 3.94
C VAL B 46 14.67 -17.03 4.60
N ASP B 47 15.55 -17.86 4.05
CA ASP B 47 15.84 -19.20 4.57
C ASP B 47 14.56 -20.04 4.67
N ALA B 48 13.80 -20.04 3.57
CA ALA B 48 12.62 -20.90 3.42
C ALA B 48 11.58 -20.62 4.50
N GLN B 49 11.29 -19.34 4.72
CA GLN B 49 10.21 -18.95 5.62
C GLN B 49 9.73 -17.56 5.25
N GLN B 50 8.42 -17.34 5.33
CA GLN B 50 7.83 -16.06 4.95
C GLN B 50 8.02 -15.04 6.06
N CYS B 51 8.68 -13.93 5.75
CA CYS B 51 8.90 -12.84 6.69
C CYS B 51 8.15 -11.60 6.24
N MET B 52 7.83 -10.74 7.20
CA MET B 52 7.18 -9.46 6.93
C MET B 52 8.14 -8.36 7.36
N LEU B 53 8.64 -7.60 6.41
CA LEU B 53 9.65 -6.57 6.67
C LEU B 53 8.99 -5.20 6.75
N GLU B 54 9.24 -4.49 7.85
CA GLU B 54 8.90 -3.07 7.96
C GLU B 54 10.22 -2.31 7.96
N ILE B 55 10.48 -1.58 6.88
CA ILE B 55 11.77 -0.93 6.65
C ILE B 55 11.58 0.57 6.84
N LEU B 56 12.36 1.14 7.75
CA LEU B 56 12.26 2.55 8.10
C LEU B 56 13.39 3.32 7.42
N ASP B 57 13.03 4.14 6.43
CA ASP B 57 13.98 4.98 5.73
C ASP B 57 14.04 6.34 6.42
N THR B 58 15.20 6.70 6.95
CA THR B 58 15.35 7.87 7.81
C THR B 58 16.03 9.01 7.07
N ALA B 59 16.06 10.16 7.74
CA ALA B 59 16.67 11.36 7.20
C ALA B 59 18.18 11.36 7.42
N GLY B 60 18.88 12.17 6.63
CA GLY B 60 20.31 12.27 6.79
C GLY B 60 20.71 12.99 8.06
N THR B 61 20.03 14.10 8.38
CA THR B 61 20.28 14.83 9.62
C THR B 61 19.00 14.97 10.43
N GLU B 62 18.70 16.19 10.87
CA GLU B 62 17.46 16.50 11.59
C GLU B 62 17.36 15.72 12.89
N GLN B 63 16.15 15.67 13.46
CA GLN B 63 15.91 14.98 14.71
C GLN B 63 14.66 15.47 15.42
N MET B 67 14.82 12.54 16.74
CA MET B 67 14.10 11.31 17.07
C MET B 67 14.92 10.09 16.68
N ARG B 68 16.24 10.27 16.56
CA ARG B 68 17.12 9.17 16.17
C ARG B 68 17.15 8.07 17.24
N ASP B 69 16.98 8.43 18.51
CA ASP B 69 17.07 7.44 19.58
C ASP B 69 15.86 6.52 19.57
N LEU B 70 14.69 7.03 19.15
CA LEU B 70 13.51 6.18 19.05
C LEU B 70 13.70 5.10 18.00
N TYR B 71 14.31 5.45 16.87
CA TYR B 71 14.57 4.46 15.82
C TYR B 71 15.47 3.34 16.33
N MET B 72 16.49 3.70 17.11
CA MET B 72 17.44 2.69 17.58
C MET B 72 16.81 1.77 18.61
N LYS B 73 16.06 2.32 19.56
CA LYS B 73 15.45 1.49 20.59
C LYS B 73 14.43 0.52 20.01
N ASN B 74 13.72 0.93 18.95
CA ASN B 74 12.68 0.10 18.36
C ASN B 74 13.20 -0.79 17.23
N GLY B 75 14.26 -0.35 16.53
CA GLY B 75 14.75 -1.11 15.40
C GLY B 75 15.46 -2.37 15.83
N GLN B 76 15.28 -3.44 15.04
CA GLN B 76 15.93 -4.72 15.27
C GLN B 76 17.22 -4.88 14.48
N GLY B 77 17.21 -4.49 13.21
CA GLY B 77 18.43 -4.50 12.41
C GLY B 77 18.66 -3.13 11.81
N PHE B 78 19.93 -2.83 11.57
CA PHE B 78 20.33 -1.51 11.09
C PHE B 78 21.26 -1.65 9.89
N ALA B 79 20.91 -0.99 8.80
CA ALA B 79 21.77 -0.89 7.63
C ALA B 79 22.50 0.45 7.68
N LEU B 80 23.81 0.41 7.77
CA LEU B 80 24.65 1.61 7.82
C LEU B 80 25.19 1.86 6.42
N VAL B 81 24.71 2.93 5.79
CA VAL B 81 24.95 3.19 4.38
C VAL B 81 25.84 4.41 4.22
N TYR B 82 26.85 4.30 3.35
CA TYR B 82 27.64 5.43 2.91
C TYR B 82 27.77 5.38 1.40
N SER B 83 28.24 6.47 0.82
CA SER B 83 28.50 6.54 -0.61
C SER B 83 30.00 6.43 -0.84
N ILE B 84 30.39 5.55 -1.76
CA ILE B 84 31.80 5.37 -2.11
C ILE B 84 32.30 6.63 -2.83
N THR B 85 31.38 7.56 -3.09
CA THR B 85 31.69 8.81 -3.77
C THR B 85 32.06 9.94 -2.81
N ALA B 86 31.61 9.88 -1.55
CA ALA B 86 31.80 10.97 -0.59
C ALA B 86 32.47 10.42 0.66
N GLN B 87 33.65 10.97 0.98
CA GLN B 87 34.41 10.50 2.13
C GLN B 87 33.73 10.89 3.44
N SER B 88 33.08 12.06 3.47
CA SER B 88 32.46 12.53 4.70
C SER B 88 31.35 11.58 5.16
N THR B 89 30.62 10.99 4.20
CA THR B 89 29.58 10.03 4.55
C THR B 89 30.16 8.76 5.16
N PHE B 90 31.40 8.42 4.80
CA PHE B 90 32.06 7.27 5.40
C PHE B 90 32.45 7.54 6.84
N ASN B 91 32.99 8.74 7.12
CA ASN B 91 33.47 9.05 8.46
C ASN B 91 32.34 9.20 9.46
N ASP B 92 31.15 9.59 8.99
CA ASP B 92 30.02 9.80 9.90
C ASP B 92 29.49 8.50 10.50
N LEU B 93 29.87 7.34 9.96
CA LEU B 93 29.27 6.09 10.37
C LEU B 93 29.80 5.57 11.70
N GLN B 94 30.99 6.02 12.13
CA GLN B 94 31.50 5.58 13.43
C GLN B 94 30.65 6.12 14.56
N ASP B 95 30.22 7.38 14.48
CA ASP B 95 29.35 7.94 15.50
C ASP B 95 28.00 7.23 15.55
N LEU B 96 27.51 6.77 14.39
CA LEU B 96 26.23 6.07 14.37
C LEU B 96 26.35 4.67 14.98
N ARG B 97 27.47 3.99 14.71
CA ARG B 97 27.68 2.66 15.27
C ARG B 97 27.74 2.71 16.79
N GLU B 98 28.44 3.71 17.35
CA GLU B 98 28.54 3.82 18.80
C GLU B 98 27.21 4.24 19.41
N GLN B 99 26.44 5.07 18.72
CA GLN B 99 25.14 5.49 19.22
C GLN B 99 24.19 4.31 19.34
N ILE B 100 24.26 3.37 18.39
CA ILE B 100 23.38 2.21 18.42
C ILE B 100 23.76 1.29 19.57
N LEU B 101 25.05 1.02 19.73
CA LEU B 101 25.49 0.14 20.83
C LEU B 101 25.15 0.75 22.18
N ARG B 102 25.26 2.08 22.30
CA ARG B 102 24.95 2.74 23.57
C ARG B 102 23.48 2.57 23.94
N VAL B 103 22.59 2.62 22.94
CA VAL B 103 21.16 2.57 23.22
C VAL B 103 20.70 1.13 23.43
N LYS B 104 21.17 0.21 22.59
CA LYS B 104 20.90 -1.20 22.80
C LYS B 104 21.66 -1.78 23.98
N ASP B 105 22.67 -1.05 24.48
CA ASP B 105 23.46 -1.48 25.64
C ASP B 105 24.09 -2.85 25.41
N THR B 106 24.60 -3.07 24.20
CA THR B 106 25.24 -4.33 23.83
C THR B 106 25.98 -4.12 22.51
N ASP B 107 26.80 -5.11 22.16
CA ASP B 107 27.45 -5.14 20.86
C ASP B 107 26.85 -6.19 19.94
N ASP B 108 26.05 -7.13 20.46
CA ASP B 108 25.33 -8.10 19.63
C ASP B 108 24.09 -7.42 19.06
N VAL B 109 24.32 -6.64 18.01
CA VAL B 109 23.26 -5.90 17.34
C VAL B 109 23.28 -6.28 15.86
N PRO B 110 22.17 -6.75 15.28
CA PRO B 110 22.14 -7.00 13.84
C PRO B 110 22.48 -5.74 13.06
N MET B 111 23.52 -5.84 12.22
CA MET B 111 24.11 -4.67 11.58
C MET B 111 24.74 -5.09 10.27
N ILE B 112 24.86 -4.12 9.37
CA ILE B 112 25.56 -4.34 8.09
C ILE B 112 26.07 -3.00 7.60
N LEU B 113 27.28 -3.02 7.05
CA LEU B 113 27.89 -1.84 6.44
C LEU B 113 27.68 -1.92 4.93
N VAL B 114 27.15 -0.84 4.36
CA VAL B 114 26.74 -0.83 2.95
C VAL B 114 27.43 0.34 2.26
N GLY B 115 28.30 0.04 1.30
CA GLY B 115 28.88 1.06 0.46
C GLY B 115 28.12 1.19 -0.84
N ASN B 116 27.36 2.28 -0.97
CA ASN B 116 26.44 2.43 -2.09
C ASN B 116 27.11 3.19 -3.24
N LYS B 117 26.43 3.17 -4.39
CA LYS B 117 26.85 3.85 -5.62
C LYS B 117 28.11 3.22 -6.22
N CYS B 118 28.23 1.90 -6.12
CA CYS B 118 29.36 1.21 -6.73
C CYS B 118 29.26 1.15 -8.26
N ASP B 119 28.17 1.64 -8.84
CA ASP B 119 28.09 1.81 -10.28
C ASP B 119 28.89 3.02 -10.75
N LEU B 120 29.16 3.98 -9.86
CA LEU B 120 30.03 5.11 -10.15
C LEU B 120 31.48 4.80 -9.76
N GLU B 121 32.00 3.70 -10.30
CA GLU B 121 33.36 3.27 -9.95
C GLU B 121 34.39 4.33 -10.30
N ASP B 122 34.11 5.18 -11.29
CA ASP B 122 35.06 6.22 -11.67
C ASP B 122 35.23 7.24 -10.56
N GLU B 123 34.12 7.78 -10.05
CA GLU B 123 34.17 8.85 -9.08
C GLU B 123 34.37 8.31 -7.67
N ARG B 124 35.01 7.16 -7.55
CA ARG B 124 35.18 6.50 -6.26
C ARG B 124 36.22 7.23 -5.42
N VAL B 125 35.88 7.50 -4.16
CA VAL B 125 36.79 8.10 -3.20
C VAL B 125 37.13 7.13 -2.07
N VAL B 126 36.14 6.39 -1.57
CA VAL B 126 36.36 5.40 -0.53
C VAL B 126 36.65 4.06 -1.19
N GLY B 127 37.68 3.36 -0.70
CA GLY B 127 38.05 2.09 -1.28
C GLY B 127 37.34 0.91 -0.64
N LYS B 128 37.26 -0.18 -1.42
CA LYS B 128 36.62 -1.39 -0.92
C LYS B 128 37.39 -2.02 0.24
N GLU B 129 38.72 -1.88 0.23
CA GLU B 129 39.53 -2.43 1.31
C GLU B 129 39.36 -1.61 2.59
N GLN B 130 39.21 -0.28 2.45
CA GLN B 130 38.98 0.55 3.63
CA GLN B 130 38.98 0.55 3.63
C GLN B 130 37.60 0.29 4.24
N GLY B 131 36.61 -0.08 3.41
CA GLY B 131 35.32 -0.44 3.94
C GLY B 131 35.35 -1.79 4.65
N GLN B 132 36.04 -2.77 4.05
CA GLN B 132 36.24 -4.05 4.71
C GLN B 132 37.03 -3.89 6.00
N ASN B 133 38.00 -2.96 6.01
CA ASN B 133 38.78 -2.73 7.22
C ASN B 133 37.91 -2.18 8.34
N LEU B 134 36.94 -1.34 8.01
CA LEU B 134 36.04 -0.81 9.03
C LEU B 134 35.14 -1.92 9.58
N ALA B 135 34.58 -2.75 8.71
CA ALA B 135 33.70 -3.82 9.16
C ALA B 135 34.47 -4.85 9.99
N ARG B 136 35.74 -5.08 9.67
CA ARG B 136 36.58 -5.95 10.50
C ARG B 136 36.70 -5.37 11.90
N GLN B 137 37.04 -4.08 12.00
CA GLN B 137 37.13 -3.40 13.29
C GLN B 137 35.83 -3.52 14.09
N TRP B 138 34.70 -3.55 13.39
CA TRP B 138 33.38 -3.57 14.02
C TRP B 138 32.93 -4.99 14.35
N ASN B 139 33.83 -5.78 14.97
CA ASN B 139 33.51 -7.13 15.44
C ASN B 139 33.06 -8.02 14.28
N ASN B 140 33.83 -7.99 13.18
CA ASN B 140 33.55 -8.78 11.98
C ASN B 140 32.14 -8.50 11.46
N CYS B 141 31.77 -7.23 11.40
CA CYS B 141 30.46 -6.85 10.92
C CYS B 141 30.32 -7.17 9.43
N ALA B 142 29.09 -7.46 9.02
CA ALA B 142 28.83 -7.73 7.61
C ALA B 142 29.11 -6.49 6.77
N PHE B 143 29.53 -6.71 5.53
CA PHE B 143 29.92 -5.63 4.63
C PHE B 143 29.47 -5.97 3.22
N LEU B 144 28.98 -4.95 2.51
CA LEU B 144 28.48 -5.11 1.15
C LEU B 144 28.67 -3.81 0.39
N GLU B 145 29.12 -3.93 -0.86
CA GLU B 145 29.09 -2.82 -1.81
C GLU B 145 27.88 -3.01 -2.71
N SER B 146 27.11 -1.94 -2.90
CA SER B 146 25.81 -2.06 -3.54
C SER B 146 25.59 -0.91 -4.51
N SER B 147 24.57 -1.07 -5.35
CA SER B 147 24.16 -0.04 -6.29
C SER B 147 22.66 -0.12 -6.47
N ALA B 148 21.95 0.96 -6.15
CA ALA B 148 20.51 0.98 -6.37
C ALA B 148 20.18 1.12 -7.86
N LYS B 149 21.03 1.83 -8.61
N LYS B 149 21.03 1.82 -8.61
CA LYS B 149 20.78 2.02 -10.03
CA LYS B 149 20.77 2.02 -10.03
C LYS B 149 20.91 0.71 -10.80
C LYS B 149 20.91 0.71 -10.80
N SER B 150 21.97 -0.04 -10.54
CA SER B 150 22.24 -1.27 -11.26
C SER B 150 21.68 -2.52 -10.59
N LYS B 151 20.96 -2.35 -9.48
CA LYS B 151 20.36 -3.48 -8.75
C LYS B 151 21.41 -4.51 -8.37
N ILE B 152 22.48 -4.05 -7.73
CA ILE B 152 23.60 -4.88 -7.34
C ILE B 152 23.62 -4.95 -5.82
N ASN B 153 23.56 -6.18 -5.27
CA ASN B 153 23.61 -6.42 -3.83
C ASN B 153 22.49 -5.70 -3.08
N VAL B 154 21.37 -5.45 -3.74
CA VAL B 154 20.28 -4.73 -3.10
C VAL B 154 19.46 -5.66 -2.22
N ASN B 155 19.05 -6.81 -2.75
CA ASN B 155 18.24 -7.74 -1.98
C ASN B 155 19.04 -8.34 -0.83
N GLU B 156 20.36 -8.43 -0.96
CA GLU B 156 21.18 -9.08 0.06
C GLU B 156 21.27 -8.22 1.33
N ILE B 157 21.12 -6.91 1.21
CA ILE B 157 21.25 -6.03 2.37
C ILE B 157 20.20 -6.39 3.42
N PHE B 158 18.96 -6.58 2.99
CA PHE B 158 17.87 -6.85 3.92
C PHE B 158 17.74 -8.33 4.26
N TYR B 159 18.16 -9.22 3.35
CA TYR B 159 18.15 -10.65 3.67
C TYR B 159 19.13 -10.96 4.79
N ASP B 160 20.31 -10.35 4.76
CA ASP B 160 21.32 -10.64 5.77
C ASP B 160 20.92 -10.10 7.14
N LEU B 161 20.25 -8.93 7.17
CA LEU B 161 19.76 -8.41 8.44
C LEU B 161 18.71 -9.34 9.04
N VAL B 162 17.91 -10.00 8.20
CA VAL B 162 16.92 -10.93 8.71
C VAL B 162 17.58 -12.15 9.34
N ARG B 163 18.63 -12.67 8.69
CA ARG B 163 19.35 -13.80 9.26
C ARG B 163 20.05 -13.41 10.56
N GLN B 164 20.56 -12.18 10.63
CA GLN B 164 21.20 -11.70 11.84
C GLN B 164 20.21 -11.53 12.98
N ILE B 165 18.92 -11.34 12.69
CA ILE B 165 17.93 -11.24 13.75
C ILE B 165 17.49 -12.63 14.20
N ASN B 166 17.41 -13.58 13.26
CA ASN B 166 17.05 -14.95 13.58
C ASN B 166 18.08 -15.65 14.44
N ARG B 167 19.28 -15.10 14.58
CA ARG B 167 20.31 -15.70 15.44
C ARG B 167 20.29 -15.05 16.82
#